data_1MNP
#
_entry.id   1MNP
#
_cell.length_a   163.240
_cell.length_b   45.970
_cell.length_c   53.715
_cell.angle_alpha   90.00
_cell.angle_beta   97.16
_cell.angle_gamma   90.00
#
_symmetry.space_group_name_H-M   'C 1 2 1'
#
loop_
_entity.id
_entity.type
_entity.pdbx_description
1 polymer 'MANGANESE PEROXIDASE'
2 branched 2-acetamido-2-deoxy-beta-D-glucopyranose-(1-4)-2-acetamido-2-deoxy-beta-D-glucopyranose
3 non-polymer 'CALCIUM ION'
4 non-polymer 'MANGANESE (II) ION'
5 non-polymer 'PROTOPORPHYRIN IX CONTAINING FE'
6 water water
#
_entity_poly.entity_id   1
_entity_poly.type   'polypeptide(L)'
_entity_poly.pdbx_seq_one_letter_code
;AVCPDGTRVSHAACCAFIPLAQDLQETIFQNECGEDAHEVIRLTFHDAIAISRSQGPKAGGGADGSMLLFPTVEPNFSAN
NGIDDSVNNLIPFMQKHNTISAADLVQFAGAVALSNCPGAPRLEFLAGRPNKTIAAVDGLIPEPQDSVTKILQRFEDAGG
FTPFEVVSLLASHSVARADKVDQTIDAAPFDSTPFTFDTQVFLEVLLKGVGFPGSANNTGEVASPLPLGSGSDTGEMRLQ
SDFALAHDPRTACIWQGFVNEQAFMAASFRAAMSKLAVLGHNRNSLIDCSDVVPVPKPATGQPAMFPASTGPQDLELSCP
SERFPTLTTQPGASQSLIAHCPDGSMSCPGVQFNGPA
;
_entity_poly.pdbx_strand_id   A
#
loop_
_chem_comp.id
_chem_comp.type
_chem_comp.name
_chem_comp.formula
CA non-polymer 'CALCIUM ION' 'Ca 2'
HEM non-polymer 'PROTOPORPHYRIN IX CONTAINING FE' 'C34 H32 Fe N4 O4'
MN non-polymer 'MANGANESE (II) ION' 'Mn 2'
NAG D-saccharide, beta linking 2-acetamido-2-deoxy-beta-D-glucopyranose 'C8 H15 N O6'
#
# COMPACT_ATOMS: atom_id res chain seq x y z
N ALA A 1 -28.77 -6.36 12.43
CA ALA A 1 -28.48 -6.92 13.79
C ALA A 1 -28.01 -5.80 14.70
N VAL A 2 -27.70 -6.14 15.94
CA VAL A 2 -27.23 -5.16 16.92
C VAL A 2 -26.20 -5.89 17.78
N CYS A 3 -25.02 -5.27 17.92
CA CYS A 3 -23.93 -5.84 18.68
C CYS A 3 -23.97 -5.42 20.15
N PRO A 4 -23.24 -6.13 21.03
CA PRO A 4 -23.17 -5.86 22.47
C PRO A 4 -22.66 -4.48 22.88
N ASP A 5 -22.59 -3.56 21.92
CA ASP A 5 -22.12 -2.22 22.18
C ASP A 5 -23.13 -1.24 21.57
N GLY A 6 -24.32 -1.76 21.28
CA GLY A 6 -25.37 -0.94 20.70
C GLY A 6 -25.23 -0.70 19.21
N THR A 7 -24.04 -0.92 18.67
CA THR A 7 -23.82 -0.71 17.24
C THR A 7 -24.72 -1.64 16.43
N ARG A 8 -25.59 -1.05 15.62
CA ARG A 8 -26.48 -1.81 14.77
C ARG A 8 -25.74 -2.22 13.50
N VAL A 9 -25.27 -3.47 13.48
CA VAL A 9 -24.53 -4.01 12.35
C VAL A 9 -25.49 -4.69 11.36
N SER A 10 -25.01 -4.95 10.15
CA SER A 10 -25.79 -5.61 9.11
C SER A 10 -26.04 -7.08 9.42
N HIS A 11 -24.97 -7.82 9.71
CA HIS A 11 -25.04 -9.23 10.03
C HIS A 11 -24.37 -9.42 11.38
N ALA A 12 -24.95 -10.24 12.24
CA ALA A 12 -24.39 -10.48 13.56
C ALA A 12 -22.96 -11.04 13.51
N ALA A 13 -22.60 -11.65 12.38
CA ALA A 13 -21.26 -12.20 12.22
C ALA A 13 -20.20 -11.09 12.20
N CYS A 14 -20.61 -9.91 11.75
CA CYS A 14 -19.71 -8.75 11.65
C CYS A 14 -19.34 -8.16 13.01
N CYS A 15 -20.17 -8.38 14.02
CA CYS A 15 -19.94 -7.84 15.36
C CYS A 15 -18.56 -8.07 15.95
N ALA A 16 -17.92 -9.19 15.61
CA ALA A 16 -16.60 -9.51 16.14
C ALA A 16 -15.51 -8.57 15.66
N PHE A 17 -15.72 -7.93 14.51
CA PHE A 17 -14.73 -7.03 13.96
C PHE A 17 -14.64 -5.69 14.67
N ILE A 18 -15.70 -5.30 15.36
CA ILE A 18 -15.73 -4.05 16.10
C ILE A 18 -14.66 -4.03 17.20
N PRO A 19 -14.60 -5.08 18.04
CA PRO A 19 -13.59 -5.10 19.10
C PRO A 19 -12.17 -5.21 18.53
N LEU A 20 -12.06 -5.85 17.36
CA LEU A 20 -10.77 -6.02 16.72
C LEU A 20 -10.25 -4.68 16.20
N ALA A 21 -11.13 -3.88 15.60
CA ALA A 21 -10.76 -2.56 15.09
C ALA A 21 -10.21 -1.70 16.25
N GLN A 22 -10.90 -1.69 17.38
CA GLN A 22 -10.45 -0.92 18.53
C GLN A 22 -9.09 -1.38 19.06
N ASP A 23 -8.87 -2.69 19.07
CA ASP A 23 -7.62 -3.27 19.55
C ASP A 23 -6.45 -2.94 18.63
N LEU A 24 -6.70 -2.98 17.32
CA LEU A 24 -5.69 -2.67 16.32
C LEU A 24 -5.24 -1.20 16.46
N GLN A 25 -6.20 -0.29 16.54
CA GLN A 25 -5.92 1.13 16.69
C GLN A 25 -5.11 1.37 17.97
N GLU A 26 -5.68 1.02 19.11
CA GLU A 26 -5.04 1.22 20.41
C GLU A 26 -3.66 0.61 20.55
N THR A 27 -3.47 -0.59 20.04
CA THR A 27 -2.20 -1.29 20.16
C THR A 27 -1.10 -1.01 19.16
N ILE A 28 -1.41 -0.95 17.88
CA ILE A 28 -0.34 -0.74 16.91
C ILE A 28 -0.44 0.46 15.96
N PHE A 29 -1.65 0.97 15.72
CA PHE A 29 -1.81 2.10 14.79
C PHE A 29 -1.85 3.48 15.43
N GLN A 30 -2.47 3.56 16.60
CA GLN A 30 -2.66 4.81 17.34
C GLN A 30 -3.37 5.86 16.49
N ASN A 31 -4.30 5.38 15.68
CA ASN A 31 -5.12 6.21 14.81
C ASN A 31 -4.35 7.12 13.87
N GLU A 32 -3.18 6.69 13.44
CA GLU A 32 -2.39 7.49 12.52
C GLU A 32 -1.89 6.67 11.34
N CYS A 33 -1.57 7.38 10.27
CA CYS A 33 -1.07 6.75 9.05
C CYS A 33 0.44 6.60 9.11
N GLY A 34 0.91 5.96 10.18
CA GLY A 34 2.34 5.78 10.40
C GLY A 34 2.99 4.51 9.90
N GLU A 35 4.18 4.23 10.43
CA GLU A 35 4.99 3.09 10.07
C GLU A 35 4.26 1.74 10.15
N ASP A 36 3.64 1.45 11.29
CA ASP A 36 2.93 0.19 11.48
C ASP A 36 1.77 0.04 10.49
N ALA A 37 1.03 1.14 10.28
CA ALA A 37 -0.08 1.13 9.34
C ALA A 37 0.38 0.82 7.93
N HIS A 38 1.51 1.43 7.52
CA HIS A 38 2.08 1.23 6.18
C HIS A 38 2.47 -0.23 5.96
N GLU A 39 3.13 -0.83 6.95
CA GLU A 39 3.57 -2.22 6.86
C GLU A 39 2.39 -3.16 6.64
N VAL A 40 1.32 -2.94 7.39
CA VAL A 40 0.12 -3.75 7.28
C VAL A 40 -0.54 -3.63 5.91
N ILE A 41 -0.61 -2.41 5.37
CA ILE A 41 -1.20 -2.22 4.05
C ILE A 41 -0.40 -3.01 3.00
N ARG A 42 0.92 -3.06 3.19
CA ARG A 42 1.77 -3.80 2.27
C ARG A 42 1.50 -5.31 2.40
N LEU A 43 1.33 -5.78 3.64
CA LEU A 43 1.06 -7.20 3.90
C LEU A 43 -0.19 -7.66 3.18
N THR A 44 -1.22 -6.82 3.21
CA THR A 44 -2.49 -7.09 2.56
C THR A 44 -2.27 -7.51 1.11
N PHE A 45 -1.40 -6.79 0.43
CA PHE A 45 -1.06 -7.04 -0.97
C PHE A 45 -0.21 -8.32 -1.16
N HIS A 46 0.80 -8.51 -0.32
CA HIS A 46 1.68 -9.68 -0.41
C HIS A 46 0.93 -10.99 -0.09
N ASP A 47 -0.07 -10.90 0.78
CA ASP A 47 -0.87 -12.06 1.13
C ASP A 47 -1.77 -12.42 -0.07
N ALA A 48 -2.51 -11.45 -0.57
CA ALA A 48 -3.44 -11.64 -1.68
C ALA A 48 -2.88 -12.04 -3.04
N ILE A 49 -1.78 -11.41 -3.46
CA ILE A 49 -1.22 -11.66 -4.78
C ILE A 49 -0.59 -13.02 -5.05
N ALA A 50 -0.23 -13.75 -3.99
CA ALA A 50 0.38 -15.07 -4.14
C ALA A 50 -0.69 -16.12 -4.54
N ILE A 51 -1.08 -16.06 -5.80
CA ILE A 51 -2.06 -16.96 -6.39
C ILE A 51 -1.74 -16.96 -7.89
N SER A 52 -2.07 -18.05 -8.58
CA SER A 52 -1.78 -18.16 -9.99
C SER A 52 -2.77 -19.05 -10.73
N ARG A 53 -3.49 -18.45 -11.67
CA ARG A 53 -4.46 -19.20 -12.47
C ARG A 53 -3.80 -20.29 -13.29
N SER A 54 -2.75 -19.94 -14.02
CA SER A 54 -2.05 -20.90 -14.87
C SER A 54 -1.41 -22.07 -14.13
N GLN A 55 -0.80 -21.79 -12.98
CA GLN A 55 -0.15 -22.84 -12.21
C GLN A 55 -1.11 -23.70 -11.38
N GLY A 56 -2.31 -23.18 -11.10
CA GLY A 56 -3.26 -23.95 -10.33
C GLY A 56 -3.19 -23.74 -8.84
N PRO A 57 -4.18 -24.27 -8.09
CA PRO A 57 -4.32 -24.17 -6.63
C PRO A 57 -3.08 -24.49 -5.79
N LYS A 58 -2.24 -25.42 -6.25
CA LYS A 58 -1.05 -25.79 -5.49
C LYS A 58 -0.02 -24.68 -5.37
N ALA A 59 -0.12 -23.69 -6.23
CA ALA A 59 0.82 -22.56 -6.23
C ALA A 59 0.55 -21.58 -5.07
N GLY A 60 -0.71 -21.48 -4.65
CA GLY A 60 -1.06 -20.58 -3.56
C GLY A 60 -2.54 -20.28 -3.55
N GLY A 61 -3.06 -19.89 -2.39
CA GLY A 61 -4.49 -19.61 -2.28
C GLY A 61 -4.94 -18.15 -2.25
N GLY A 62 -4.03 -17.23 -2.57
CA GLY A 62 -4.41 -15.82 -2.57
C GLY A 62 -4.59 -15.23 -1.19
N ALA A 63 -5.68 -14.47 -1.02
CA ALA A 63 -5.99 -13.81 0.25
C ALA A 63 -6.45 -14.87 1.23
N ASP A 64 -5.49 -15.63 1.75
CA ASP A 64 -5.77 -16.75 2.65
C ASP A 64 -5.09 -16.74 4.01
N GLY A 65 -4.33 -15.68 4.30
CA GLY A 65 -3.64 -15.63 5.58
C GLY A 65 -2.45 -16.57 5.67
N SER A 66 -1.93 -17.02 4.54
CA SER A 66 -0.77 -17.93 4.53
C SER A 66 0.48 -17.37 5.18
N MET A 67 0.64 -16.05 5.16
CA MET A 67 1.81 -15.39 5.75
C MET A 67 1.81 -15.58 7.25
N LEU A 68 0.61 -15.63 7.83
CA LEU A 68 0.44 -15.80 9.27
C LEU A 68 0.40 -17.30 9.66
N LEU A 69 -0.23 -18.12 8.82
CA LEU A 69 -0.36 -19.55 9.06
C LEU A 69 0.93 -20.33 8.84
N PHE A 70 1.78 -19.86 7.93
CA PHE A 70 3.06 -20.50 7.66
C PHE A 70 4.14 -19.39 7.70
N PRO A 71 4.36 -18.79 8.89
CA PRO A 71 5.32 -17.71 9.11
C PRO A 71 6.78 -17.96 8.77
N THR A 72 7.22 -19.21 8.69
CA THR A 72 8.62 -19.48 8.37
C THR A 72 8.85 -19.79 6.90
N VAL A 73 7.80 -19.70 6.10
CA VAL A 73 7.96 -20.01 4.68
C VAL A 73 8.04 -18.78 3.76
N GLU A 74 6.90 -18.20 3.43
CA GLU A 74 6.86 -17.03 2.54
C GLU A 74 7.68 -15.80 3.00
N PRO A 75 7.55 -15.40 4.29
CA PRO A 75 8.30 -14.24 4.80
C PRO A 75 9.79 -14.29 4.48
N ASN A 76 10.32 -15.49 4.24
CA ASN A 76 11.73 -15.66 3.94
C ASN A 76 12.12 -15.66 2.47
N PHE A 77 11.16 -15.49 1.58
CA PHE A 77 11.49 -15.42 0.16
C PHE A 77 12.12 -14.04 -0.04
N SER A 78 13.05 -13.91 -0.98
CA SER A 78 13.72 -12.63 -1.25
C SER A 78 12.71 -11.51 -1.42
N ALA A 79 11.78 -11.69 -2.36
CA ALA A 79 10.75 -10.70 -2.66
C ALA A 79 9.88 -10.28 -1.50
N ASN A 80 9.97 -10.99 -0.37
CA ASN A 80 9.15 -10.66 0.79
C ASN A 80 9.98 -10.04 1.93
N ASN A 81 11.24 -9.71 1.63
CA ASN A 81 12.14 -9.11 2.62
C ASN A 81 11.52 -7.93 3.38
N GLY A 82 11.47 -8.04 4.70
CA GLY A 82 10.88 -6.99 5.51
C GLY A 82 9.42 -7.20 5.89
N ILE A 83 8.78 -8.24 5.33
CA ILE A 83 7.37 -8.52 5.63
C ILE A 83 7.19 -9.12 7.03
N ASP A 84 8.28 -9.67 7.57
CA ASP A 84 8.26 -10.29 8.90
C ASP A 84 7.70 -9.41 10.01
N ASP A 85 8.00 -8.11 9.93
CA ASP A 85 7.53 -7.18 10.95
C ASP A 85 6.02 -7.11 11.06
N SER A 86 5.32 -7.03 9.92
CA SER A 86 3.86 -6.95 9.95
C SER A 86 3.25 -8.27 10.43
N VAL A 87 3.84 -9.38 9.99
CA VAL A 87 3.38 -10.72 10.37
C VAL A 87 3.44 -10.87 11.89
N ASN A 88 4.61 -10.62 12.48
CA ASN A 88 4.78 -10.72 13.93
C ASN A 88 3.87 -9.77 14.71
N ASN A 89 3.54 -8.62 14.13
CA ASN A 89 2.65 -7.67 14.79
C ASN A 89 1.19 -8.13 14.77
N LEU A 90 0.82 -8.91 13.75
CA LEU A 90 -0.56 -9.40 13.61
C LEU A 90 -0.89 -10.75 14.27
N ILE A 91 0.11 -11.61 14.39
CA ILE A 91 -0.08 -12.93 15.01
C ILE A 91 -0.78 -12.87 16.38
N PRO A 92 -0.39 -11.93 17.26
CA PRO A 92 -1.05 -11.86 18.57
C PRO A 92 -2.56 -11.65 18.50
N PHE A 93 -3.03 -10.94 17.49
CA PHE A 93 -4.46 -10.70 17.35
C PHE A 93 -5.18 -11.95 16.88
N MET A 94 -4.48 -12.75 16.07
CA MET A 94 -5.03 -13.99 15.56
C MET A 94 -5.37 -14.89 16.73
N GLN A 95 -4.40 -15.03 17.63
CA GLN A 95 -4.54 -15.86 18.82
C GLN A 95 -5.60 -15.32 19.77
N LYS A 96 -5.73 -14.00 19.85
CA LYS A 96 -6.69 -13.37 20.74
C LYS A 96 -8.12 -13.42 20.20
N HIS A 97 -8.35 -12.74 19.08
CA HIS A 97 -9.66 -12.70 18.44
C HIS A 97 -9.80 -13.97 17.61
N ASN A 98 -9.83 -15.10 18.31
CA ASN A 98 -9.90 -16.43 17.72
C ASN A 98 -11.19 -16.90 17.06
N THR A 99 -12.09 -15.98 16.74
CA THR A 99 -13.30 -16.37 16.02
C THR A 99 -13.19 -15.85 14.58
N ILE A 100 -12.13 -15.09 14.33
CA ILE A 100 -11.86 -14.49 13.02
C ILE A 100 -10.64 -15.17 12.41
N SER A 101 -10.75 -15.60 11.16
CA SER A 101 -9.66 -16.28 10.47
C SER A 101 -8.47 -15.38 10.16
N ALA A 102 -7.30 -16.00 10.01
CA ALA A 102 -6.07 -15.27 9.71
C ALA A 102 -6.24 -14.43 8.43
N ALA A 103 -6.96 -14.99 7.44
CA ALA A 103 -7.21 -14.31 6.18
C ALA A 103 -8.11 -13.07 6.33
N ASP A 104 -9.18 -13.20 7.11
CA ASP A 104 -10.09 -12.08 7.33
C ASP A 104 -9.34 -10.99 8.08
N LEU A 105 -8.56 -11.40 9.07
CA LEU A 105 -7.76 -10.50 9.90
C LEU A 105 -6.85 -9.62 9.04
N VAL A 106 -6.10 -10.25 8.13
CA VAL A 106 -5.18 -9.53 7.25
C VAL A 106 -5.88 -8.44 6.44
N GLN A 107 -6.99 -8.80 5.78
CA GLN A 107 -7.71 -7.83 4.98
C GLN A 107 -8.37 -6.72 5.79
N PHE A 108 -8.95 -7.08 6.93
CA PHE A 108 -9.60 -6.09 7.76
C PHE A 108 -8.58 -5.11 8.31
N ALA A 109 -7.44 -5.63 8.79
CA ALA A 109 -6.38 -4.80 9.34
C ALA A 109 -5.95 -3.74 8.32
N GLY A 110 -5.78 -4.14 7.06
CA GLY A 110 -5.39 -3.20 6.02
C GLY A 110 -6.44 -2.13 5.80
N ALA A 111 -7.72 -2.49 5.92
CA ALA A 111 -8.82 -1.54 5.75
C ALA A 111 -8.82 -0.52 6.90
N VAL A 112 -8.52 -0.98 8.10
CA VAL A 112 -8.45 -0.14 9.29
C VAL A 112 -7.24 0.80 9.19
N ALA A 113 -6.09 0.24 8.82
CA ALA A 113 -4.84 0.99 8.67
C ALA A 113 -5.03 2.15 7.69
N LEU A 114 -5.61 1.83 6.52
CA LEU A 114 -5.85 2.81 5.47
C LEU A 114 -6.82 3.92 5.87
N SER A 115 -7.76 3.62 6.75
CA SER A 115 -8.73 4.62 7.18
C SER A 115 -8.08 5.74 8.01
N ASN A 116 -6.85 5.50 8.46
CA ASN A 116 -6.09 6.47 9.25
C ASN A 116 -5.38 7.48 8.34
N CYS A 117 -5.38 7.23 7.04
CA CYS A 117 -4.72 8.12 6.09
C CYS A 117 -5.72 9.08 5.44
N PRO A 118 -5.56 10.39 5.68
CA PRO A 118 -6.45 11.41 5.12
C PRO A 118 -6.57 11.25 3.62
N GLY A 119 -7.79 11.29 3.10
CA GLY A 119 -7.99 11.13 1.68
C GLY A 119 -8.24 9.70 1.22
N ALA A 120 -7.91 8.72 2.06
CA ALA A 120 -8.13 7.32 1.68
C ALA A 120 -9.61 6.97 1.62
N PRO A 121 -10.01 6.04 0.74
CA PRO A 121 -11.41 5.65 0.63
C PRO A 121 -11.77 4.63 1.72
N ARG A 122 -13.07 4.45 1.95
CA ARG A 122 -13.56 3.47 2.93
C ARG A 122 -13.69 2.16 2.14
N LEU A 123 -12.78 1.24 2.39
CA LEU A 123 -12.76 -0.04 1.69
C LEU A 123 -13.96 -0.96 1.97
N GLU A 124 -14.35 -1.71 0.96
CA GLU A 124 -15.42 -2.71 1.09
C GLU A 124 -14.78 -3.83 1.89
N PHE A 125 -15.52 -4.42 2.82
CA PHE A 125 -14.99 -5.55 3.60
C PHE A 125 -15.97 -6.71 3.71
N LEU A 126 -15.65 -7.79 3.01
CA LEU A 126 -16.43 -9.03 3.00
C LEU A 126 -15.70 -10.01 3.93
N ALA A 127 -16.44 -10.78 4.72
CA ALA A 127 -15.86 -11.72 5.68
C ALA A 127 -16.30 -13.18 5.46
N GLY A 128 -15.54 -14.11 6.05
CA GLY A 128 -15.88 -15.51 5.94
C GLY A 128 -14.84 -16.41 5.26
N ARG A 129 -13.61 -15.92 5.10
CA ARG A 129 -12.57 -16.71 4.47
C ARG A 129 -12.12 -17.80 5.45
N PRO A 130 -11.86 -19.02 4.94
CA PRO A 130 -11.42 -20.17 5.75
C PRO A 130 -10.11 -19.93 6.49
N ASN A 131 -9.95 -20.58 7.64
CA ASN A 131 -8.74 -20.48 8.45
C ASN A 131 -7.75 -21.60 8.13
N LYS A 132 -7.88 -22.18 6.94
CA LYS A 132 -6.99 -23.27 6.51
C LYS A 132 -6.54 -23.03 5.07
N THR A 133 -5.25 -23.26 4.81
CA THR A 133 -4.71 -23.08 3.48
C THR A 133 -3.34 -23.76 3.36
N ILE A 134 -2.59 -23.44 2.32
CA ILE A 134 -1.26 -23.98 2.09
C ILE A 134 -0.24 -22.84 1.94
N ALA A 135 1.04 -23.13 2.16
CA ALA A 135 2.09 -22.13 2.00
C ALA A 135 2.25 -21.95 0.49
N ALA A 136 2.37 -20.70 0.04
CA ALA A 136 2.52 -20.43 -1.38
C ALA A 136 3.93 -20.69 -1.88
N VAL A 137 4.05 -20.78 -3.19
CA VAL A 137 5.32 -21.01 -3.86
C VAL A 137 6.03 -19.66 -4.14
N ASP A 138 7.36 -19.69 -4.20
CA ASP A 138 8.19 -18.51 -4.44
C ASP A 138 8.04 -18.03 -5.90
N GLY A 139 8.18 -16.73 -6.11
CA GLY A 139 8.10 -16.17 -7.46
C GLY A 139 6.81 -15.51 -7.88
N LEU A 140 5.82 -15.45 -6.99
CA LEU A 140 4.55 -14.83 -7.34
C LEU A 140 4.43 -13.36 -6.90
N ILE A 141 5.49 -12.83 -6.29
CA ILE A 141 5.49 -11.44 -5.81
C ILE A 141 6.26 -10.57 -6.80
N PRO A 142 5.61 -9.57 -7.39
CA PRO A 142 6.31 -8.70 -8.34
C PRO A 142 7.43 -7.90 -7.65
N GLU A 143 8.52 -7.69 -8.37
CA GLU A 143 9.68 -6.98 -7.82
C GLU A 143 10.00 -5.66 -8.55
N PRO A 144 10.69 -4.72 -7.86
CA PRO A 144 11.07 -3.39 -8.38
C PRO A 144 11.81 -3.41 -9.71
N GLN A 145 12.66 -4.41 -9.91
CA GLN A 145 13.43 -4.53 -11.14
C GLN A 145 12.69 -5.19 -12.30
N ASP A 146 11.44 -5.61 -12.08
CA ASP A 146 10.68 -6.26 -13.14
C ASP A 146 10.24 -5.30 -14.23
N SER A 147 10.15 -5.81 -15.45
CA SER A 147 9.72 -5.01 -16.59
C SER A 147 8.20 -4.84 -16.53
N VAL A 148 7.69 -3.88 -17.27
CA VAL A 148 6.25 -3.63 -17.30
C VAL A 148 5.50 -4.87 -17.82
N THR A 149 6.03 -5.50 -18.86
CA THR A 149 5.40 -6.69 -19.42
C THR A 149 5.28 -7.79 -18.35
N LYS A 150 6.39 -8.09 -17.69
CA LYS A 150 6.40 -9.10 -16.63
C LYS A 150 5.41 -8.75 -15.52
N ILE A 151 5.34 -7.48 -15.13
CA ILE A 151 4.45 -7.02 -14.07
C ILE A 151 2.97 -7.18 -14.45
N LEU A 152 2.62 -6.72 -15.64
CA LEU A 152 1.26 -6.80 -16.14
C LEU A 152 0.82 -8.27 -16.27
N GLN A 153 1.73 -9.13 -16.73
CA GLN A 153 1.44 -10.55 -16.87
C GLN A 153 1.18 -11.19 -15.51
N ARG A 154 1.97 -10.82 -14.52
CA ARG A 154 1.82 -11.35 -13.17
C ARG A 154 0.44 -11.02 -12.60
N PHE A 155 0.00 -9.76 -12.76
CA PHE A 155 -1.32 -9.35 -12.27
C PHE A 155 -2.47 -9.99 -13.04
N GLU A 156 -2.26 -10.22 -14.33
CA GLU A 156 -3.28 -10.83 -15.15
C GLU A 156 -3.46 -12.30 -14.73
N ASP A 157 -2.33 -12.96 -14.49
CA ASP A 157 -2.30 -14.36 -14.09
C ASP A 157 -2.85 -14.56 -12.67
N ALA A 158 -2.71 -13.56 -11.82
CA ALA A 158 -3.20 -13.65 -10.46
C ALA A 158 -4.72 -13.49 -10.35
N GLY A 159 -5.29 -12.58 -11.12
CA GLY A 159 -6.72 -12.38 -11.03
C GLY A 159 -7.38 -11.62 -12.17
N GLY A 160 -6.77 -11.63 -13.34
CA GLY A 160 -7.33 -10.93 -14.48
C GLY A 160 -7.33 -9.41 -14.39
N PHE A 161 -6.42 -8.83 -13.61
CA PHE A 161 -6.33 -7.39 -13.46
C PHE A 161 -5.91 -6.70 -14.76
N THR A 162 -6.65 -5.66 -15.14
CA THR A 162 -6.32 -4.89 -16.35
C THR A 162 -5.22 -3.89 -15.98
N PRO A 163 -4.55 -3.28 -16.98
CA PRO A 163 -3.48 -2.31 -16.68
C PRO A 163 -4.02 -1.14 -15.86
N PHE A 164 -5.27 -0.75 -16.11
CA PHE A 164 -5.87 0.33 -15.36
C PHE A 164 -5.95 -0.01 -13.88
N GLU A 165 -6.35 -1.24 -13.56
CA GLU A 165 -6.47 -1.65 -12.16
C GLU A 165 -5.09 -1.74 -11.50
N VAL A 166 -4.08 -2.15 -12.26
CA VAL A 166 -2.73 -2.25 -11.73
C VAL A 166 -2.24 -0.84 -11.29
N VAL A 167 -2.42 0.16 -12.15
CA VAL A 167 -1.98 1.52 -11.81
C VAL A 167 -2.78 2.04 -10.62
N SER A 168 -4.08 1.79 -10.62
CA SER A 168 -4.94 2.20 -9.52
C SER A 168 -4.44 1.66 -8.18
N LEU A 169 -4.01 0.41 -8.17
CA LEU A 169 -3.50 -0.21 -6.95
C LEU A 169 -2.23 0.46 -6.44
N LEU A 170 -1.44 1.03 -7.34
CA LEU A 170 -0.21 1.71 -6.97
C LEU A 170 -0.45 3.06 -6.29
N ALA A 171 -1.71 3.40 -6.08
CA ALA A 171 -2.05 4.64 -5.38
C ALA A 171 -1.56 4.47 -3.94
N SER A 172 -1.36 3.23 -3.51
CA SER A 172 -0.90 2.95 -2.16
C SER A 172 0.56 3.40 -1.94
N HIS A 173 1.29 3.61 -3.02
CA HIS A 173 2.67 4.08 -2.90
C HIS A 173 2.70 5.58 -2.48
N SER A 174 1.52 6.17 -2.31
CA SER A 174 1.37 7.56 -1.86
C SER A 174 1.57 7.62 -0.34
N VAL A 175 1.53 6.47 0.31
CA VAL A 175 1.71 6.37 1.76
C VAL A 175 2.66 5.18 1.99
N ALA A 176 3.81 5.22 1.33
CA ALA A 176 4.81 4.15 1.40
C ALA A 176 6.25 4.65 1.49
N ARG A 177 7.10 3.84 2.12
CA ARG A 177 8.52 4.15 2.28
C ARG A 177 9.28 2.83 2.13
N ALA A 178 10.58 2.91 1.91
CA ALA A 178 11.41 1.71 1.74
C ALA A 178 12.52 1.59 2.79
N ASP A 179 12.70 0.38 3.31
CA ASP A 179 13.71 0.06 4.32
C ASP A 179 14.76 -0.92 3.82
N LYS A 180 14.41 -1.72 2.81
CA LYS A 180 15.30 -2.75 2.30
C LYS A 180 15.92 -2.53 0.94
N VAL A 181 15.41 -1.59 0.16
CA VAL A 181 15.98 -1.35 -1.17
C VAL A 181 17.44 -0.90 -1.02
N ASP A 182 17.67 -0.01 -0.07
CA ASP A 182 19.01 0.51 0.21
C ASP A 182 19.23 0.20 1.67
N GLN A 183 20.29 -0.55 1.96
CA GLN A 183 20.57 -0.92 3.34
C GLN A 183 21.30 0.11 4.18
N THR A 184 21.68 1.24 3.58
CA THR A 184 22.37 2.29 4.33
C THR A 184 21.38 3.29 4.90
N ILE A 185 20.18 3.35 4.32
CA ILE A 185 19.15 4.26 4.78
C ILE A 185 17.82 3.56 5.08
N ASP A 186 17.02 4.13 5.97
CA ASP A 186 15.72 3.57 6.34
C ASP A 186 14.60 4.56 6.01
N ALA A 187 13.41 4.01 5.86
CA ALA A 187 12.20 4.77 5.60
C ALA A 187 12.28 5.88 4.56
N ALA A 188 12.76 5.54 3.36
CA ALA A 188 12.85 6.52 2.27
C ALA A 188 11.48 6.56 1.57
N PRO A 189 10.74 7.68 1.67
CA PRO A 189 9.42 7.94 1.09
C PRO A 189 9.35 7.85 -0.43
N PHE A 190 8.19 7.42 -0.94
CA PHE A 190 8.00 7.34 -2.38
C PHE A 190 7.47 8.68 -2.91
N ASP A 191 6.84 9.46 -2.02
CA ASP A 191 6.37 10.80 -2.37
C ASP A 191 6.60 11.72 -1.17
N SER A 192 6.45 13.03 -1.36
CA SER A 192 6.69 14.01 -0.30
C SER A 192 5.69 14.03 0.84
N THR A 193 4.55 13.34 0.66
CA THR A 193 3.52 13.29 1.69
C THR A 193 3.20 11.82 2.04
N PRO A 194 4.16 11.11 2.65
CA PRO A 194 4.01 9.70 3.03
C PRO A 194 2.94 9.38 4.05
N PHE A 195 2.31 10.40 4.64
CA PHE A 195 1.27 10.18 5.63
C PHE A 195 -0.05 10.70 5.10
N THR A 196 -0.08 10.96 3.79
CA THR A 196 -1.27 11.49 3.15
C THR A 196 -1.59 10.73 1.87
N PHE A 197 -2.82 10.21 1.78
CA PHE A 197 -3.27 9.46 0.62
C PHE A 197 -3.74 10.45 -0.46
N ASP A 198 -2.79 11.02 -1.18
CA ASP A 198 -3.08 12.01 -2.21
C ASP A 198 -2.45 11.61 -3.53
N THR A 199 -2.48 12.53 -4.49
CA THR A 199 -1.92 12.26 -5.80
C THR A 199 -0.46 12.68 -6.02
N GLN A 200 0.23 13.11 -4.97
CA GLN A 200 1.63 13.53 -5.13
C GLN A 200 2.53 12.49 -5.81
N VAL A 201 2.38 11.20 -5.46
CA VAL A 201 3.22 10.18 -6.06
C VAL A 201 3.14 10.14 -7.58
N PHE A 202 1.96 10.33 -8.14
CA PHE A 202 1.83 10.31 -9.59
C PHE A 202 2.55 11.49 -10.23
N LEU A 203 2.50 12.65 -9.57
CA LEU A 203 3.18 13.86 -10.05
C LEU A 203 4.70 13.75 -9.89
N GLU A 204 5.15 13.38 -8.71
CA GLU A 204 6.56 13.30 -8.43
C GLU A 204 7.39 12.27 -9.19
N VAL A 205 6.74 11.21 -9.66
CA VAL A 205 7.46 10.20 -10.42
C VAL A 205 7.73 10.72 -11.85
N LEU A 206 6.94 11.69 -12.30
CA LEU A 206 7.09 12.28 -13.64
C LEU A 206 8.18 13.37 -13.74
N LEU A 207 8.77 13.73 -12.61
CA LEU A 207 9.83 14.75 -12.55
C LEU A 207 11.19 14.14 -12.85
N LYS A 208 12.09 14.95 -13.39
CA LYS A 208 13.43 14.49 -13.71
C LYS A 208 14.16 14.12 -12.43
N GLY A 209 14.92 13.03 -12.45
CA GLY A 209 15.66 12.62 -11.27
C GLY A 209 16.98 13.36 -11.22
N VAL A 210 17.40 13.79 -10.03
CA VAL A 210 18.64 14.53 -9.86
C VAL A 210 19.68 13.90 -8.93
N GLY A 211 19.31 12.84 -8.22
CA GLY A 211 20.25 12.19 -7.32
C GLY A 211 19.67 10.98 -6.63
N PHE A 212 20.32 10.51 -5.58
CA PHE A 212 19.88 9.35 -4.82
C PHE A 212 19.87 9.65 -3.33
N PRO A 213 18.90 9.10 -2.60
CA PRO A 213 18.74 9.26 -1.16
C PRO A 213 19.88 8.66 -0.36
N GLY A 214 20.44 7.55 -0.85
CA GLY A 214 21.54 6.90 -0.17
C GLY A 214 22.57 6.47 -1.19
N SER A 215 22.80 5.17 -1.32
CA SER A 215 23.75 4.64 -2.30
C SER A 215 23.12 4.79 -3.68
N ALA A 216 23.95 4.75 -4.72
CA ALA A 216 23.45 4.91 -6.07
C ALA A 216 23.53 3.59 -6.84
N ASN A 217 23.81 2.51 -6.12
CA ASN A 217 23.96 1.19 -6.73
C ASN A 217 23.03 0.16 -6.09
N ASN A 218 21.73 0.36 -6.24
CA ASN A 218 20.75 -0.56 -5.67
C ASN A 218 19.86 -1.10 -6.76
N THR A 219 19.59 -2.40 -6.69
CA THR A 219 18.74 -3.04 -7.68
C THR A 219 17.32 -2.52 -7.52
N GLY A 220 16.69 -2.23 -8.64
CA GLY A 220 15.32 -1.76 -8.60
C GLY A 220 15.11 -0.30 -8.23
N GLU A 221 16.20 0.47 -8.13
CA GLU A 221 16.10 1.89 -7.80
C GLU A 221 16.65 2.78 -8.91
N VAL A 222 16.00 3.91 -9.13
CA VAL A 222 16.45 4.88 -10.14
C VAL A 222 16.56 6.27 -9.49
N ALA A 223 17.09 7.23 -10.22
CA ALA A 223 17.27 8.58 -9.70
C ALA A 223 15.99 9.25 -9.20
N SER A 224 16.13 9.91 -8.05
CA SER A 224 15.05 10.63 -7.39
C SER A 224 15.15 12.14 -7.62
N PRO A 225 14.00 12.85 -7.65
CA PRO A 225 13.93 14.29 -7.87
C PRO A 225 14.06 15.10 -6.56
N LEU A 226 13.96 14.40 -5.43
CA LEU A 226 14.03 15.01 -4.12
C LEU A 226 14.87 14.12 -3.19
N PRO A 227 16.15 13.91 -3.52
CA PRO A 227 17.05 13.07 -2.73
C PRO A 227 17.54 13.59 -1.39
N LEU A 228 17.53 14.91 -1.20
CA LEU A 228 18.00 15.50 0.04
C LEU A 228 17.36 14.98 1.33
N GLY A 229 18.23 14.59 2.25
CA GLY A 229 17.76 14.10 3.54
C GLY A 229 18.77 14.50 4.60
N SER A 230 18.29 14.64 5.83
CA SER A 230 19.17 14.99 6.95
C SER A 230 18.69 14.26 8.19
N GLY A 231 19.61 13.54 8.83
CA GLY A 231 19.27 12.79 10.03
C GLY A 231 18.26 11.71 9.72
N SER A 232 17.16 11.70 10.47
CA SER A 232 16.09 10.73 10.30
C SER A 232 15.18 11.05 9.11
N ASP A 233 15.19 12.30 8.66
CA ASP A 233 14.37 12.72 7.53
C ASP A 233 15.06 12.30 6.24
N THR A 234 14.81 11.05 5.83
CA THR A 234 15.41 10.50 4.63
C THR A 234 14.77 11.08 3.38
N GLY A 235 15.56 11.23 2.33
CA GLY A 235 15.07 11.75 1.07
C GLY A 235 14.22 10.75 0.31
N GLU A 236 13.49 11.25 -0.67
CA GLU A 236 12.61 10.46 -1.52
C GLU A 236 13.35 9.47 -2.40
N MET A 237 12.80 8.26 -2.50
CA MET A 237 13.37 7.21 -3.33
C MET A 237 12.42 6.94 -4.48
N ARG A 238 12.94 6.50 -5.62
CA ARG A 238 12.13 6.19 -6.77
C ARG A 238 12.40 4.77 -7.24
N LEU A 239 11.35 3.96 -7.35
CA LEU A 239 11.47 2.56 -7.82
C LEU A 239 11.45 2.49 -9.34
N GLN A 240 12.27 1.60 -9.88
CA GLN A 240 12.36 1.38 -11.33
C GLN A 240 10.98 1.07 -11.90
N SER A 241 10.24 0.20 -11.22
CA SER A 241 8.91 -0.21 -11.66
C SER A 241 7.91 0.95 -11.74
N ASP A 242 7.92 1.82 -10.73
CA ASP A 242 7.02 2.98 -10.74
C ASP A 242 7.40 3.90 -11.91
N PHE A 243 8.69 4.08 -12.11
CA PHE A 243 9.22 4.90 -13.19
C PHE A 243 8.81 4.30 -14.54
N ALA A 244 9.02 2.99 -14.69
CA ALA A 244 8.70 2.26 -15.92
C ALA A 244 7.22 2.33 -16.28
N LEU A 245 6.35 2.17 -15.29
CA LEU A 245 4.91 2.26 -15.53
C LEU A 245 4.49 3.67 -15.93
N ALA A 246 5.17 4.67 -15.38
CA ALA A 246 4.84 6.06 -15.69
C ALA A 246 5.19 6.44 -17.13
N HIS A 247 6.11 5.68 -17.75
CA HIS A 247 6.54 5.98 -19.11
C HIS A 247 6.25 4.96 -20.21
N ASP A 248 5.67 3.81 -19.85
CA ASP A 248 5.37 2.78 -20.85
C ASP A 248 4.11 3.16 -21.61
N PRO A 249 4.09 2.96 -22.95
CA PRO A 249 2.93 3.29 -23.79
C PRO A 249 1.59 2.69 -23.33
N ARG A 250 1.65 1.56 -22.64
CA ARG A 250 0.45 0.89 -22.16
C ARG A 250 -0.15 1.55 -20.93
N THR A 251 0.69 2.15 -20.11
CA THR A 251 0.23 2.73 -18.85
C THR A 251 0.43 4.25 -18.65
N ALA A 252 1.28 4.86 -19.48
CA ALA A 252 1.59 6.29 -19.38
C ALA A 252 0.39 7.21 -19.18
N CYS A 253 -0.62 7.13 -20.06
CA CYS A 253 -1.78 7.99 -19.91
C CYS A 253 -2.62 7.73 -18.68
N ILE A 254 -2.64 6.48 -18.22
CA ILE A 254 -3.40 6.12 -17.02
C ILE A 254 -2.74 6.76 -15.81
N TRP A 255 -1.42 6.63 -15.74
CA TRP A 255 -0.63 7.18 -14.65
C TRP A 255 -0.84 8.71 -14.53
N GLN A 256 -0.70 9.41 -15.66
CA GLN A 256 -0.88 10.86 -15.68
C GLN A 256 -2.31 11.24 -15.30
N GLY A 257 -3.26 10.42 -15.74
CA GLY A 257 -4.67 10.66 -15.45
C GLY A 257 -5.02 10.83 -13.98
N PHE A 258 -4.19 10.31 -13.08
CA PHE A 258 -4.45 10.44 -11.66
C PHE A 258 -3.87 11.72 -11.03
N VAL A 259 -2.97 12.40 -11.73
CA VAL A 259 -2.36 13.63 -11.20
C VAL A 259 -3.44 14.69 -10.91
N ASN A 260 -3.52 15.09 -9.66
CA ASN A 260 -4.49 16.09 -9.22
C ASN A 260 -5.96 15.67 -9.40
N GLU A 261 -6.20 14.36 -9.43
CA GLU A 261 -7.56 13.83 -9.55
C GLU A 261 -7.80 12.93 -8.34
N GLN A 262 -7.91 13.56 -7.17
CA GLN A 262 -8.12 12.88 -5.90
C GLN A 262 -9.33 11.93 -5.80
N ALA A 263 -10.52 12.41 -6.13
CA ALA A 263 -11.73 11.59 -6.05
C ALA A 263 -11.67 10.38 -6.99
N PHE A 264 -11.16 10.61 -8.20
CA PHE A 264 -11.03 9.57 -9.22
C PHE A 264 -10.01 8.52 -8.77
N MET A 265 -8.89 8.98 -8.21
CA MET A 265 -7.85 8.08 -7.73
C MET A 265 -8.36 7.19 -6.60
N ALA A 266 -9.02 7.81 -5.62
CA ALA A 266 -9.55 7.09 -4.46
C ALA A 266 -10.61 6.05 -4.84
N ALA A 267 -11.54 6.43 -5.72
CA ALA A 267 -12.58 5.53 -6.16
C ALA A 267 -12.00 4.36 -6.96
N SER A 268 -11.02 4.63 -7.82
CA SER A 268 -10.40 3.59 -8.62
C SER A 268 -9.61 2.59 -7.75
N PHE A 269 -8.99 3.10 -6.69
CA PHE A 269 -8.24 2.26 -5.76
C PHE A 269 -9.22 1.36 -5.00
N ARG A 270 -10.34 1.93 -4.53
CA ARG A 270 -11.35 1.17 -3.81
C ARG A 270 -11.82 -0.02 -4.67
N ALA A 271 -12.15 0.28 -5.92
CA ALA A 271 -12.61 -0.71 -6.89
C ALA A 271 -11.61 -1.85 -7.05
N ALA A 272 -10.35 -1.51 -7.36
CA ALA A 272 -9.32 -2.51 -7.53
C ALA A 272 -9.08 -3.34 -6.27
N MET A 273 -9.18 -2.70 -5.10
CA MET A 273 -8.99 -3.40 -3.83
C MET A 273 -10.10 -4.41 -3.55
N SER A 274 -11.32 -4.12 -4.01
CA SER A 274 -12.43 -5.04 -3.82
C SER A 274 -12.08 -6.39 -4.45
N LYS A 275 -11.48 -6.36 -5.64
CA LYS A 275 -11.09 -7.58 -6.33
C LYS A 275 -9.91 -8.26 -5.64
N LEU A 276 -8.89 -7.48 -5.32
CA LEU A 276 -7.69 -8.01 -4.68
C LEU A 276 -7.97 -8.73 -3.37
N ALA A 277 -8.83 -8.13 -2.55
CA ALA A 277 -9.18 -8.68 -1.24
C ALA A 277 -9.87 -10.05 -1.24
N VAL A 278 -10.42 -10.45 -2.39
CA VAL A 278 -11.11 -11.73 -2.48
C VAL A 278 -10.46 -12.74 -3.42
N LEU A 279 -9.19 -12.54 -3.73
CA LEU A 279 -8.49 -13.46 -4.61
C LEU A 279 -8.45 -14.84 -3.93
N GLY A 280 -8.85 -15.86 -4.68
CA GLY A 280 -8.90 -17.22 -4.16
C GLY A 280 -10.21 -17.54 -3.47
N HIS A 281 -11.23 -16.70 -3.66
CA HIS A 281 -12.53 -16.92 -3.03
C HIS A 281 -13.64 -16.49 -3.96
N ASN A 282 -14.85 -17.01 -3.73
CA ASN A 282 -16.01 -16.64 -4.54
C ASN A 282 -16.71 -15.59 -3.69
N ARG A 283 -16.84 -14.37 -4.21
CA ARG A 283 -17.48 -13.33 -3.41
C ARG A 283 -18.92 -13.60 -3.03
N ASN A 284 -19.58 -14.52 -3.73
CA ASN A 284 -20.97 -14.86 -3.40
C ASN A 284 -21.01 -15.73 -2.15
N SER A 285 -19.86 -16.18 -1.68
CA SER A 285 -19.78 -17.01 -0.50
C SER A 285 -19.32 -16.25 0.75
N LEU A 286 -19.12 -14.94 0.62
CA LEU A 286 -18.64 -14.13 1.74
C LEU A 286 -19.68 -13.11 2.19
N ILE A 287 -19.78 -12.89 3.49
CA ILE A 287 -20.75 -11.95 4.02
C ILE A 287 -20.23 -10.51 3.94
N ASP A 288 -21.12 -9.56 3.71
CA ASP A 288 -20.74 -8.16 3.62
C ASP A 288 -20.70 -7.49 5.00
N CYS A 289 -19.50 -7.15 5.46
CA CYS A 289 -19.32 -6.48 6.74
C CYS A 289 -18.68 -5.09 6.55
N SER A 290 -18.99 -4.42 5.44
CA SER A 290 -18.43 -3.10 5.11
C SER A 290 -18.76 -1.98 6.09
N ASP A 291 -19.96 -2.04 6.66
CA ASP A 291 -20.43 -1.02 7.60
C ASP A 291 -19.66 -1.04 8.92
N VAL A 292 -18.73 -1.97 9.05
CA VAL A 292 -17.92 -2.13 10.25
C VAL A 292 -16.50 -1.56 10.06
N VAL A 293 -16.17 -1.16 8.83
CA VAL A 293 -14.88 -0.56 8.55
C VAL A 293 -15.02 0.90 9.02
N PRO A 294 -14.05 1.40 9.80
CA PRO A 294 -14.10 2.78 10.29
C PRO A 294 -14.18 3.83 9.18
N VAL A 295 -14.82 4.96 9.47
CA VAL A 295 -14.92 6.04 8.48
C VAL A 295 -13.52 6.63 8.35
N PRO A 296 -13.03 6.78 7.12
CA PRO A 296 -11.68 7.33 6.90
C PRO A 296 -11.54 8.82 7.23
N LYS A 297 -10.29 9.24 7.49
CA LYS A 297 -9.99 10.64 7.80
C LYS A 297 -10.12 11.47 6.53
N PRO A 298 -10.80 12.62 6.61
CA PRO A 298 -10.96 13.48 5.43
C PRO A 298 -9.68 14.25 5.09
N ALA A 299 -9.54 14.60 3.83
CA ALA A 299 -8.39 15.36 3.35
C ALA A 299 -8.75 16.84 3.51
N THR A 300 -7.80 17.73 3.21
CA THR A 300 -8.05 19.17 3.30
C THR A 300 -8.74 19.66 2.04
N GLY A 301 -8.57 18.93 0.95
CA GLY A 301 -9.19 19.32 -0.31
C GLY A 301 -8.30 20.18 -1.20
N GLN A 302 -7.03 20.31 -0.83
CA GLN A 302 -6.08 21.10 -1.64
C GLN A 302 -5.60 20.33 -2.86
N PRO A 303 -5.32 21.04 -3.96
CA PRO A 303 -4.84 20.43 -5.20
C PRO A 303 -3.40 19.97 -5.04
N ALA A 304 -2.93 19.18 -5.99
CA ALA A 304 -1.55 18.73 -5.98
C ALA A 304 -0.72 19.95 -6.37
N MET A 305 0.51 20.03 -5.85
CA MET A 305 1.40 21.15 -6.17
C MET A 305 2.83 20.68 -6.29
N PHE A 306 3.62 21.35 -7.13
CA PHE A 306 5.03 21.02 -7.29
C PHE A 306 5.74 21.33 -5.99
N PRO A 307 6.54 20.40 -5.47
CA PRO A 307 7.23 20.70 -4.23
C PRO A 307 8.35 21.72 -4.49
N ALA A 308 8.72 22.47 -3.46
CA ALA A 308 9.77 23.47 -3.57
C ALA A 308 11.03 22.92 -4.22
N SER A 309 11.55 23.66 -5.19
CA SER A 309 12.75 23.36 -5.97
C SER A 309 12.50 22.61 -7.28
N THR A 310 11.23 22.37 -7.60
CA THR A 310 10.87 21.68 -8.85
C THR A 310 9.77 22.52 -9.51
N GLY A 311 9.54 22.30 -10.79
CA GLY A 311 8.52 23.05 -11.48
C GLY A 311 8.19 22.42 -12.82
N PRO A 312 7.26 22.99 -13.59
CA PRO A 312 6.83 22.51 -14.91
C PRO A 312 7.98 22.17 -15.86
N GLN A 313 9.10 22.85 -15.70
CA GLN A 313 10.27 22.63 -16.54
C GLN A 313 10.95 21.28 -16.27
N ASP A 314 10.64 20.68 -15.12
CA ASP A 314 11.25 19.41 -14.72
C ASP A 314 10.44 18.16 -15.08
N LEU A 315 9.30 18.31 -15.74
CA LEU A 315 8.45 17.19 -16.13
C LEU A 315 8.95 16.41 -17.33
N GLU A 316 8.83 15.08 -17.25
CA GLU A 316 9.20 14.19 -18.35
C GLU A 316 7.90 13.50 -18.72
N LEU A 317 7.11 14.16 -19.58
CA LEU A 317 5.81 13.65 -20.00
C LEU A 317 5.83 12.60 -21.11
N SER A 318 4.94 11.62 -20.98
CA SER A 318 4.85 10.55 -21.96
C SER A 318 3.46 10.33 -22.54
N CYS A 319 2.45 11.02 -22.03
CA CYS A 319 1.09 10.87 -22.56
C CYS A 319 0.79 11.99 -23.55
N PRO A 320 0.86 11.69 -24.85
CA PRO A 320 0.61 12.68 -25.90
C PRO A 320 -0.84 13.14 -26.08
N SER A 321 -1.80 12.33 -25.64
CA SER A 321 -3.20 12.65 -25.81
C SER A 321 -3.94 13.32 -24.67
N GLU A 322 -3.25 13.64 -23.58
CA GLU A 322 -3.94 14.29 -22.47
C GLU A 322 -3.18 15.50 -21.94
N ARG A 323 -3.89 16.59 -21.74
CA ARG A 323 -3.27 17.81 -21.24
C ARG A 323 -2.97 17.71 -19.75
N PHE A 324 -1.71 17.96 -19.41
CA PHE A 324 -1.24 17.95 -18.03
C PHE A 324 -1.85 19.19 -17.40
N PRO A 325 -2.41 19.05 -16.19
CA PRO A 325 -3.02 20.20 -15.52
C PRO A 325 -2.03 21.29 -15.11
N THR A 326 -2.58 22.48 -14.83
CA THR A 326 -1.77 23.61 -14.39
C THR A 326 -1.76 23.56 -12.86
N LEU A 327 -0.59 23.36 -12.29
CA LEU A 327 -0.46 23.28 -10.85
C LEU A 327 0.47 24.40 -10.38
N THR A 328 0.32 24.80 -9.13
CA THR A 328 1.16 25.84 -8.55
C THR A 328 2.40 25.18 -8.00
N THR A 329 3.38 26.00 -7.64
CA THR A 329 4.62 25.52 -7.08
C THR A 329 4.78 26.11 -5.68
N GLN A 330 5.20 25.28 -4.73
CA GLN A 330 5.42 25.73 -3.38
C GLN A 330 6.67 26.59 -3.39
N PRO A 331 6.61 27.79 -2.79
CA PRO A 331 7.74 28.72 -2.74
C PRO A 331 8.98 28.17 -2.05
N GLY A 332 10.15 28.59 -2.53
CA GLY A 332 11.41 28.15 -1.95
C GLY A 332 12.44 27.85 -3.02
N ALA A 333 13.71 28.12 -2.72
CA ALA A 333 14.79 27.88 -3.68
C ALA A 333 15.38 26.48 -3.53
N SER A 334 15.28 25.92 -2.33
CA SER A 334 15.81 24.61 -2.07
C SER A 334 14.73 23.62 -1.67
N GLN A 335 15.08 22.34 -1.72
CA GLN A 335 14.16 21.28 -1.37
C GLN A 335 13.93 21.26 0.13
N SER A 336 12.68 21.04 0.53
CA SER A 336 12.34 20.94 1.94
C SER A 336 12.60 19.49 2.35
N LEU A 337 12.88 19.27 3.63
CA LEU A 337 13.12 17.92 4.13
C LEU A 337 11.75 17.27 4.34
N ILE A 338 11.65 15.98 4.00
CA ILE A 338 10.42 15.22 4.19
C ILE A 338 10.46 14.68 5.62
N ALA A 339 9.47 15.09 6.41
CA ALA A 339 9.35 14.70 7.82
C ALA A 339 9.29 13.18 8.01
N HIS A 340 10.07 12.70 8.98
CA HIS A 340 10.14 11.29 9.31
C HIS A 340 8.93 10.85 10.11
N CYS A 341 8.37 11.78 10.89
CA CYS A 341 7.21 11.50 11.73
C CYS A 341 6.02 12.32 11.33
N PRO A 342 4.80 11.77 11.49
CA PRO A 342 3.58 12.50 11.13
C PRO A 342 3.38 13.77 11.95
N ASP A 343 3.89 13.78 13.19
CA ASP A 343 3.76 14.96 14.05
C ASP A 343 4.80 16.02 13.70
N GLY A 344 5.76 15.65 12.86
CA GLY A 344 6.80 16.58 12.45
C GLY A 344 8.19 16.22 12.96
N SER A 345 8.25 15.62 14.14
CA SER A 345 9.51 15.21 14.76
C SER A 345 10.26 14.12 13.99
N MET A 346 11.38 13.68 14.57
CA MET A 346 12.20 12.61 14.02
C MET A 346 12.14 11.38 14.92
N SER A 347 11.52 11.53 16.09
CA SER A 347 11.38 10.45 17.07
C SER A 347 9.92 10.01 17.22
N CYS A 348 9.59 8.86 16.65
CA CYS A 348 8.23 8.32 16.72
C CYS A 348 8.23 6.81 16.44
N PRO A 349 8.88 6.02 17.31
CA PRO A 349 8.95 4.57 17.12
C PRO A 349 7.58 3.90 17.28
N GLY A 350 7.25 3.03 16.34
CA GLY A 350 5.99 2.31 16.39
C GLY A 350 6.11 1.09 17.28
N VAL A 351 4.99 0.47 17.59
CA VAL A 351 4.95 -0.73 18.41
C VAL A 351 5.41 -1.90 17.54
N GLN A 352 6.22 -2.79 18.12
CA GLN A 352 6.70 -3.94 17.37
C GLN A 352 6.81 -5.14 18.29
N PHE A 353 6.20 -6.25 17.90
CA PHE A 353 6.23 -7.48 18.68
C PHE A 353 7.21 -8.48 18.09
N ASN A 354 7.80 -9.31 18.93
CA ASN A 354 8.72 -10.34 18.49
C ASN A 354 7.82 -11.51 18.09
N GLY A 355 8.24 -12.30 17.11
CA GLY A 355 7.42 -13.41 16.70
C GLY A 355 8.18 -14.46 15.94
N PRO A 356 7.48 -15.42 15.31
CA PRO A 356 8.09 -16.50 14.53
C PRO A 356 8.64 -16.16 13.15
N ALA A 357 8.11 -15.11 12.52
CA ALA A 357 8.59 -14.73 11.19
C ALA A 357 9.95 -14.05 11.26
C1 NAG B . -6.90 -20.11 13.00
C2 NAG B . -7.56 -20.15 14.40
C3 NAG B . -6.57 -19.69 15.43
C4 NAG B . -5.28 -20.53 15.34
C5 NAG B . -4.68 -20.48 13.91
C6 NAG B . -3.43 -21.36 13.70
C7 NAG B . -9.92 -19.60 13.90
C8 NAG B . -11.04 -18.58 14.02
N2 NAG B . -8.74 -19.30 14.45
O3 NAG B . -7.13 -19.78 16.72
O4 NAG B . -4.36 -20.06 16.29
O5 NAG B . -5.70 -20.89 12.96
O6 NAG B . -3.72 -22.69 14.07
O7 NAG B . -10.11 -20.66 13.30
C1 NAG B . -4.31 -20.59 17.57
C2 NAG B . -2.94 -20.34 18.09
C3 NAG B . -2.87 -20.81 19.52
C4 NAG B . -3.86 -20.09 20.41
C5 NAG B . -5.26 -20.39 19.85
C6 NAG B . -6.43 -19.72 20.58
C7 NAG B . -0.94 -20.29 16.68
C8 NAG B . 0.10 -21.08 15.90
N2 NAG B . -1.90 -20.97 17.30
O3 NAG B . -1.60 -20.61 20.04
O4 NAG B . -3.67 -20.57 21.74
O5 NAG B . -5.27 -19.97 18.46
O6 NAG B . -7.66 -19.99 19.89
O7 NAG B . -0.88 -19.06 16.69
CA CA C . 1.22 10.91 -0.30
CA CA D . -1.54 -15.65 0.63
MN MN E . 8.61 0.07 6.32
CHA HEM F . 6.51 -0.70 -0.27
CHB HEM F . 7.41 -2.71 -4.58
CHC HEM F . 2.67 -2.91 -5.44
CHD HEM F . 1.77 -1.23 -0.99
C1A HEM F . 7.18 -1.23 -1.36
C2A HEM F . 8.60 -1.45 -1.43
C3A HEM F . 8.85 -1.99 -2.64
C4A HEM F . 7.58 -2.17 -3.30
CMA HEM F . 10.25 -2.35 -3.13
CAA HEM F . 9.68 -1.22 -0.42
CBA HEM F . 9.63 -2.15 0.77
CGA HEM F . 10.87 -2.04 1.62
O1A HEM F . 11.98 -2.24 1.10
O2A HEM F . 10.73 -1.76 2.82
C1B HEM F . 6.20 -2.87 -5.22
C2B HEM F . 6.02 -3.38 -6.55
C3B HEM F . 4.71 -3.32 -6.84
C4B HEM F . 4.04 -2.90 -5.63
CMB HEM F . 7.10 -3.94 -7.45
CAB HEM F . 4.07 -3.65 -8.03
CBB HEM F . 4.53 -3.50 -9.38
C1C HEM F . 2.00 -2.51 -4.29
C2C HEM F . 0.57 -2.62 -4.08
C3C HEM F . 0.34 -2.26 -2.79
C4C HEM F . 1.60 -1.81 -2.25
CMC HEM F . -0.43 -3.06 -5.15
CAC HEM F . -0.84 -2.31 -2.04
CBC HEM F . -2.20 -2.00 -2.45
C1D HEM F . 2.98 -0.81 -0.46
C2D HEM F . 3.14 -0.11 0.78
C3D HEM F . 4.46 0.00 0.99
C4D HEM F . 5.14 -0.57 -0.15
CMD HEM F . 2.08 0.45 1.75
CAD HEM F . 5.08 0.66 2.19
CBD HEM F . 5.45 -0.11 3.43
CGD HEM F . 6.03 0.80 4.50
O1D HEM F . 6.40 0.29 5.58
O2D HEM F . 6.12 2.02 4.28
NA HEM F . 6.57 -1.67 -2.50
NB HEM F . 4.96 -2.52 -4.68
NC HEM F . 2.61 -2.00 -3.16
ND HEM F . 4.21 -0.97 -1.08
FE HEM F . 4.58 -1.71 -2.85
#